data_2ZP1
#
_entry.id   2ZP1
#
_cell.length_a   102.201
_cell.length_b   102.201
_cell.length_c   71.904
_cell.angle_alpha   90.00
_cell.angle_beta   90.00
_cell.angle_gamma   90.00
#
_symmetry.space_group_name_H-M   'P 43 21 2'
#
loop_
_entity.id
_entity.type
_entity.pdbx_description
1 polymer 'Tyrosyl-tRNA synthetase'
2 non-polymer 3-IODO-TYROSINE
3 water water
#
_entity_poly.entity_id   1
_entity_poly.type   'polypeptide(L)'
_entity_poly.pdbx_seq_one_letter_code
;MDEFEMIKRNTSEIISEEELREVLKKDEKSAYIGFEPSGKIHLGHYLQIKKMIDLQNAGFDIIILLADLAAYLNQKGELD
EIRKIGDYNKKVFEAMGLKAKYVYGSEFQLDKDYTLNVYRLALKTTLKRARRSMELIAREDENPKVAEVIYPIMQVNTSH
YLGVDVAVGGMEQRKIHMLARELLPKKVVCIHNPVLTGLDGEGKMSSSKGNFIAVDDSPEEIRAKIKKAYCPAGVVEGNP
IMEIAKYFLEYPLTIKRPEKFGGDLTVNSYEELESLFKNKELHPMYLKNAVAEELIKILEPIRKRLLEHHHHHH
;
_entity_poly.pdbx_strand_id   A
#
# COMPACT_ATOMS: atom_id res chain seq x y z
N MET A 1 -19.17 13.82 -0.25
CA MET A 1 -18.05 13.23 0.53
C MET A 1 -17.08 14.33 0.94
N ASP A 2 -16.95 14.59 2.23
CA ASP A 2 -16.03 15.61 2.70
C ASP A 2 -14.60 15.05 2.68
N GLU A 3 -13.66 15.81 3.22
CA GLU A 3 -12.28 15.35 3.24
C GLU A 3 -12.10 14.11 4.10
N PHE A 4 -12.68 14.12 5.29
CA PHE A 4 -12.57 12.97 6.17
C PHE A 4 -13.06 11.71 5.45
N GLU A 5 -14.23 11.77 4.83
CA GLU A 5 -14.72 10.59 4.15
C GLU A 5 -13.87 10.22 2.93
N MET A 6 -13.29 11.23 2.27
CA MET A 6 -12.45 10.94 1.10
C MET A 6 -11.20 10.20 1.57
N ILE A 7 -10.68 10.62 2.72
CA ILE A 7 -9.47 9.98 3.26
C ILE A 7 -9.84 8.57 3.75
N LYS A 8 -11.01 8.45 4.36
CA LYS A 8 -11.42 7.15 4.86
C LYS A 8 -11.77 6.10 3.80
N ARG A 9 -12.22 6.53 2.63
CA ARG A 9 -12.62 5.60 1.57
C ARG A 9 -11.57 4.52 1.27
N ASN A 10 -12.00 3.25 1.32
CA ASN A 10 -11.17 2.09 1.04
C ASN A 10 -10.00 1.81 1.97
N THR A 11 -10.06 2.36 3.17
CA THR A 11 -9.02 2.08 4.16
C THR A 11 -9.59 0.99 5.05
N SER A 12 -8.71 0.26 5.72
CA SER A 12 -9.12 -0.80 6.63
C SER A 12 -9.41 -0.23 8.00
N GLU A 13 -8.61 0.76 8.43
CA GLU A 13 -8.82 1.37 9.72
C GLU A 13 -8.07 2.68 9.84
N ILE A 14 -8.58 3.52 10.72
CA ILE A 14 -7.96 4.82 10.99
C ILE A 14 -7.87 4.89 12.51
N ILE A 15 -6.65 5.04 13.02
CA ILE A 15 -6.45 5.10 14.46
C ILE A 15 -5.94 6.48 14.82
N SER A 16 -6.81 7.37 15.31
CA SER A 16 -8.24 7.12 15.47
C SER A 16 -8.97 8.15 14.61
N GLU A 17 -10.24 7.91 14.31
CA GLU A 17 -11.00 8.88 13.52
C GLU A 17 -11.10 10.23 14.21
N GLU A 18 -11.33 10.23 15.53
CA GLU A 18 -11.41 11.50 16.26
C GLU A 18 -10.11 12.27 16.10
N GLU A 19 -8.97 11.59 16.22
CA GLU A 19 -7.70 12.28 16.07
C GLU A 19 -7.51 12.83 14.67
N LEU A 20 -7.95 12.08 13.64
CA LEU A 20 -7.82 12.57 12.28
C LEU A 20 -8.63 13.85 12.13
N ARG A 21 -9.83 13.84 12.70
CA ARG A 21 -10.70 15.00 12.61
C ARG A 21 -10.01 16.24 13.20
N GLU A 22 -9.29 16.07 14.30
CA GLU A 22 -8.58 17.20 14.91
C GLU A 22 -7.45 17.64 13.99
N VAL A 23 -6.77 16.67 13.36
CA VAL A 23 -5.70 17.03 12.45
C VAL A 23 -6.16 17.84 11.23
N LEU A 24 -7.29 17.44 10.65
CA LEU A 24 -7.81 18.08 9.43
C LEU A 24 -8.11 19.56 9.57
N LYS A 25 -8.37 19.99 10.80
CA LYS A 25 -8.66 21.40 11.07
C LYS A 25 -7.45 22.32 10.86
N LYS A 26 -6.24 21.78 11.04
CA LYS A 26 -5.02 22.57 10.88
C LYS A 26 -4.73 23.00 9.45
N ASP A 27 -4.10 24.16 9.30
CA ASP A 27 -3.73 24.64 7.98
C ASP A 27 -2.57 23.79 7.49
N GLU A 28 -1.65 23.49 8.39
CA GLU A 28 -0.46 22.72 8.05
C GLU A 28 -0.46 21.34 8.71
N LYS A 29 -0.46 20.29 7.90
CA LYS A 29 -0.42 18.93 8.43
C LYS A 29 0.38 18.11 7.45
N SER A 30 1.01 17.07 7.95
CA SER A 30 1.84 16.25 7.09
C SER A 30 1.57 14.76 7.33
N ALA A 31 1.87 13.98 6.30
CA ALA A 31 1.67 12.55 6.35
C ALA A 31 2.81 11.87 5.63
N TYR A 32 3.22 10.70 6.11
CA TYR A 32 4.26 9.95 5.40
C TYR A 32 3.89 8.50 5.30
N ILE A 33 4.59 7.83 4.39
CA ILE A 33 4.50 6.38 4.24
C ILE A 33 5.91 5.98 3.84
N GLY A 34 6.36 4.82 4.30
CA GLY A 34 7.68 4.39 3.89
C GLY A 34 7.57 3.06 3.14
N PHE A 35 8.47 2.84 2.18
CA PHE A 35 8.49 1.58 1.44
C PHE A 35 9.91 1.06 1.35
N GLU A 36 10.10 -0.21 1.64
CA GLU A 36 11.41 -0.83 1.38
C GLU A 36 11.45 -0.82 -0.16
N PRO A 37 12.53 -0.31 -0.78
CA PRO A 37 12.61 -0.29 -2.25
C PRO A 37 12.31 -1.65 -2.85
N SER A 38 11.53 -1.64 -3.93
CA SER A 38 11.09 -2.85 -4.60
C SER A 38 11.43 -2.84 -6.09
N GLY A 39 11.90 -3.97 -6.60
CA GLY A 39 12.25 -4.08 -8.00
C GLY A 39 11.06 -3.79 -8.91
N LYS A 40 9.88 -4.21 -8.49
CA LYS A 40 8.68 -3.96 -9.28
C LYS A 40 7.70 -3.24 -8.36
N ILE A 41 7.04 -2.22 -8.89
CA ILE A 41 6.04 -1.48 -8.12
C ILE A 41 4.71 -2.04 -8.61
N HIS A 42 3.93 -2.58 -7.68
CA HIS A 42 2.67 -3.23 -8.02
C HIS A 42 1.42 -2.55 -7.52
N LEU A 43 0.26 -3.19 -7.73
CA LEU A 43 -1.00 -2.61 -7.30
C LEU A 43 -1.09 -2.31 -5.82
N GLY A 44 -0.39 -3.11 -5.00
CA GLY A 44 -0.40 -2.86 -3.57
C GLY A 44 0.26 -1.53 -3.30
N HIS A 45 1.36 -1.25 -3.99
CA HIS A 45 2.00 0.06 -3.83
C HIS A 45 1.07 1.16 -4.33
N TYR A 46 0.50 0.94 -5.51
CA TYR A 46 -0.38 1.95 -6.13
C TYR A 46 -1.57 2.31 -5.22
N LEU A 47 -2.15 1.30 -4.58
CA LEU A 47 -3.28 1.50 -3.67
C LEU A 47 -2.88 2.51 -2.59
N GLN A 48 -1.68 2.34 -2.04
CA GLN A 48 -1.23 3.23 -0.99
C GLN A 48 -0.88 4.63 -1.52
N ILE A 49 -0.26 4.71 -2.70
CA ILE A 49 0.07 6.01 -3.26
C ILE A 49 -1.23 6.76 -3.56
N LYS A 50 -2.26 6.04 -4.02
CA LYS A 50 -3.56 6.67 -4.26
C LYS A 50 -4.06 7.31 -2.95
N LYS A 51 -3.88 6.61 -1.83
CA LYS A 51 -4.28 7.14 -0.54
C LYS A 51 -3.44 8.38 -0.16
N MET A 52 -2.16 8.37 -0.51
CA MET A 52 -1.31 9.53 -0.18
C MET A 52 -1.82 10.71 -1.01
N ILE A 53 -2.25 10.42 -2.25
CA ILE A 53 -2.80 11.47 -3.11
C ILE A 53 -4.08 12.03 -2.50
N ASP A 54 -4.90 11.17 -1.90
CA ASP A 54 -6.11 11.64 -1.24
C ASP A 54 -5.72 12.60 -0.13
N LEU A 55 -4.74 12.21 0.68
CA LEU A 55 -4.30 13.09 1.76
C LEU A 55 -3.78 14.42 1.22
N GLN A 56 -3.00 14.36 0.14
CA GLN A 56 -2.45 15.57 -0.47
C GLN A 56 -3.59 16.49 -0.93
N ASN A 57 -4.62 15.91 -1.53
CA ASN A 57 -5.77 16.69 -1.99
C ASN A 57 -6.51 17.32 -0.82
N ALA A 58 -6.37 16.73 0.37
CA ALA A 58 -6.99 17.22 1.58
C ALA A 58 -6.11 18.23 2.29
N GLY A 59 -5.06 18.69 1.62
CA GLY A 59 -4.16 19.70 2.16
C GLY A 59 -2.94 19.22 2.90
N PHE A 60 -2.66 17.92 2.86
CA PHE A 60 -1.47 17.41 3.57
C PHE A 60 -0.19 17.54 2.73
N ASP A 61 0.93 17.81 3.40
CA ASP A 61 2.23 17.85 2.73
C ASP A 61 2.61 16.37 2.85
N ILE A 62 3.04 15.77 1.75
CA ILE A 62 3.36 14.33 1.77
C ILE A 62 4.85 14.10 1.76
N ILE A 63 5.30 13.13 2.57
CA ILE A 63 6.69 12.73 2.62
C ILE A 63 6.70 11.25 2.28
N ILE A 64 7.55 10.84 1.34
CA ILE A 64 7.64 9.42 0.99
C ILE A 64 9.03 9.00 1.44
N LEU A 65 9.10 8.03 2.35
CA LEU A 65 10.38 7.54 2.83
C LEU A 65 10.78 6.34 1.98
N LEU A 66 11.91 6.46 1.28
CA LEU A 66 12.48 5.36 0.51
C LEU A 66 13.28 4.73 1.64
N ALA A 67 12.72 3.66 2.22
CA ALA A 67 13.29 3.04 3.42
C ALA A 67 14.47 2.13 3.16
N ASP A 68 15.58 2.74 2.72
CA ASP A 68 16.74 1.94 2.38
C ASP A 68 17.40 1.23 3.56
N LEU A 69 17.49 1.91 4.70
CA LEU A 69 18.16 1.34 5.87
C LEU A 69 17.33 0.19 6.39
N ALA A 70 16.01 0.35 6.36
CA ALA A 70 15.10 -0.71 6.83
C ALA A 70 15.25 -1.92 5.92
N ALA A 71 15.28 -1.68 4.62
CA ALA A 71 15.42 -2.76 3.66
C ALA A 71 16.75 -3.48 3.90
N TYR A 72 17.77 -2.70 4.24
CA TYR A 72 19.09 -3.24 4.54
C TYR A 72 18.99 -4.16 5.77
N LEU A 73 18.35 -3.68 6.82
CA LEU A 73 18.18 -4.49 8.05
C LEU A 73 17.30 -5.72 7.76
N ASN A 74 16.44 -5.60 6.77
CA ASN A 74 15.53 -6.69 6.42
C ASN A 74 16.08 -7.56 5.27
N GLN A 75 17.40 -7.58 5.16
CA GLN A 75 18.10 -8.45 4.22
C GLN A 75 17.81 -8.28 2.72
N LYS A 76 17.60 -7.05 2.28
CA LYS A 76 17.32 -6.82 0.86
C LYS A 76 18.57 -6.58 0.02
N GLY A 77 19.73 -6.57 0.68
CA GLY A 77 20.97 -6.38 -0.05
C GLY A 77 21.84 -5.28 0.50
N GLU A 78 22.75 -4.77 -0.33
CA GLU A 78 23.64 -3.70 0.11
C GLU A 78 22.95 -2.36 -0.07
N LEU A 79 23.25 -1.43 0.82
CA LEU A 79 22.66 -0.10 0.75
C LEU A 79 22.80 0.56 -0.59
N ASP A 80 23.96 0.41 -1.23
CA ASP A 80 24.15 1.04 -2.53
C ASP A 80 23.12 0.56 -3.55
N GLU A 81 22.96 -0.75 -3.70
CA GLU A 81 22.00 -1.26 -4.68
C GLU A 81 20.58 -0.96 -4.27
N ILE A 82 20.31 -0.98 -2.97
CA ILE A 82 18.97 -0.69 -2.47
C ILE A 82 18.59 0.74 -2.79
N ARG A 83 19.52 1.68 -2.61
CA ARG A 83 19.24 3.08 -2.92
C ARG A 83 18.92 3.29 -4.39
N LYS A 84 19.54 2.48 -5.25
CA LYS A 84 19.33 2.57 -6.70
C LYS A 84 17.88 2.19 -7.02
N ILE A 85 17.40 1.14 -6.37
CA ILE A 85 16.02 0.71 -6.58
C ILE A 85 15.11 1.83 -6.04
N GLY A 86 15.54 2.42 -4.92
CA GLY A 86 14.78 3.51 -4.34
C GLY A 86 14.59 4.65 -5.33
N ASP A 87 15.64 4.99 -6.07
CA ASP A 87 15.51 6.06 -7.04
C ASP A 87 14.51 5.69 -8.13
N TYR A 88 14.49 4.43 -8.54
CA TYR A 88 13.55 3.96 -9.55
C TYR A 88 12.13 4.08 -8.98
N ASN A 89 11.96 3.65 -7.74
CA ASN A 89 10.65 3.74 -7.11
C ASN A 89 10.13 5.18 -7.09
N LYS A 90 11.01 6.13 -6.80
CA LYS A 90 10.60 7.54 -6.80
C LYS A 90 10.02 7.92 -8.16
N LYS A 91 10.69 7.53 -9.24
CA LYS A 91 10.23 7.83 -10.60
C LYS A 91 8.85 7.21 -10.87
N VAL A 92 8.64 6.00 -10.39
CA VAL A 92 7.34 5.36 -10.58
C VAL A 92 6.27 6.12 -9.80
N PHE A 93 6.56 6.48 -8.54
CA PHE A 93 5.59 7.21 -7.72
C PHE A 93 5.26 8.55 -8.34
N GLU A 94 6.24 9.18 -8.99
CA GLU A 94 5.98 10.46 -9.64
C GLU A 94 5.12 10.23 -10.88
N ALA A 95 5.35 9.11 -11.57
CA ALA A 95 4.55 8.77 -12.75
C ALA A 95 3.11 8.47 -12.35
N MET A 96 2.89 8.19 -11.06
CA MET A 96 1.53 7.92 -10.58
C MET A 96 0.81 9.22 -10.29
N GLY A 97 1.52 10.33 -10.41
CA GLY A 97 0.90 11.63 -10.19
C GLY A 97 1.11 12.21 -8.80
N LEU A 98 1.98 11.56 -8.02
CA LEU A 98 2.24 12.07 -6.68
C LEU A 98 3.42 13.03 -6.65
N LYS A 99 3.18 14.25 -6.17
CA LYS A 99 4.29 15.17 -6.01
C LYS A 99 4.49 15.20 -4.51
N ALA A 100 5.67 14.88 -4.05
CA ALA A 100 5.89 14.84 -2.62
C ALA A 100 7.37 15.05 -2.37
N LYS A 101 7.74 15.04 -1.10
CA LYS A 101 9.13 15.17 -0.71
C LYS A 101 9.56 13.72 -0.50
N TYR A 102 10.59 13.30 -1.22
CA TYR A 102 11.12 11.95 -1.11
C TYR A 102 12.40 12.01 -0.29
N VAL A 103 12.51 11.17 0.73
CA VAL A 103 13.70 11.17 1.57
C VAL A 103 14.18 9.74 1.73
N TYR A 104 15.50 9.55 1.81
CA TYR A 104 16.04 8.20 2.01
C TYR A 104 16.31 8.06 3.51
N GLY A 105 15.90 6.93 4.09
CA GLY A 105 16.10 6.76 5.51
C GLY A 105 17.53 7.02 5.96
N SER A 106 18.49 6.45 5.23
CA SER A 106 19.90 6.59 5.59
C SER A 106 20.40 8.03 5.63
N GLU A 107 19.60 8.97 5.14
CA GLU A 107 19.99 10.38 5.16
C GLU A 107 19.94 10.90 6.58
N PHE A 108 19.09 10.31 7.41
CA PHE A 108 18.98 10.77 8.78
C PHE A 108 18.94 9.71 9.88
N GLN A 109 18.68 8.46 9.49
CA GLN A 109 18.55 7.41 10.49
C GLN A 109 19.83 6.86 11.11
N LEU A 110 20.97 7.42 10.73
CA LEU A 110 22.24 6.99 11.32
C LEU A 110 22.89 8.10 12.15
N ASP A 111 22.20 9.24 12.24
CA ASP A 111 22.68 10.39 13.02
C ASP A 111 22.72 10.04 14.51
N LYS A 112 23.70 10.58 15.24
CA LYS A 112 23.83 10.30 16.67
C LYS A 112 22.54 10.46 17.47
N ASP A 113 21.81 11.53 17.21
CA ASP A 113 20.57 11.78 17.95
C ASP A 113 19.49 10.76 17.61
N TYR A 114 19.44 10.33 16.35
CA TYR A 114 18.42 9.35 15.94
C TYR A 114 18.73 8.04 16.66
N THR A 115 19.99 7.64 16.58
CA THR A 115 20.45 6.38 17.19
C THR A 115 20.20 6.34 18.70
N LEU A 116 20.47 7.44 19.39
CA LEU A 116 20.24 7.46 20.83
C LEU A 116 18.76 7.23 21.09
N ASN A 117 17.89 7.82 20.27
CA ASN A 117 16.46 7.61 20.49
C ASN A 117 16.06 6.16 20.21
N VAL A 118 16.71 5.56 19.22
CA VAL A 118 16.46 4.15 18.90
C VAL A 118 16.84 3.31 20.12
N TYR A 119 17.97 3.60 20.76
CA TYR A 119 18.39 2.80 21.91
C TYR A 119 17.48 3.06 23.11
N ARG A 120 16.95 4.28 23.23
CA ARG A 120 16.03 4.58 24.32
C ARG A 120 14.75 3.75 24.12
N LEU A 121 14.30 3.65 22.87
CA LEU A 121 13.12 2.87 22.52
C LEU A 121 13.37 1.39 22.72
N ALA A 122 14.62 0.97 22.50
CA ALA A 122 15.00 -0.43 22.66
C ALA A 122 14.87 -0.88 24.13
N LEU A 123 15.06 0.06 25.05
CA LEU A 123 14.93 -0.19 26.49
C LEU A 123 13.46 -0.35 26.89
N LYS A 124 12.56 0.17 26.07
CA LYS A 124 11.12 0.13 26.40
C LYS A 124 10.34 -0.90 25.60
N THR A 125 11.01 -1.54 24.65
CA THR A 125 10.33 -2.50 23.78
C THR A 125 10.79 -3.92 24.07
N THR A 126 9.87 -4.81 24.38
CA THR A 126 10.32 -6.18 24.64
C THR A 126 10.62 -6.90 23.36
N LEU A 127 11.53 -7.87 23.46
CA LEU A 127 11.88 -8.67 22.32
C LEU A 127 10.65 -9.35 21.77
N LYS A 128 9.80 -9.84 22.68
CA LYS A 128 8.60 -10.56 22.23
C LYS A 128 7.71 -9.66 21.39
N ARG A 129 7.46 -8.45 21.88
CA ARG A 129 6.66 -7.46 21.19
C ARG A 129 7.28 -7.08 19.83
N ALA A 130 8.59 -6.85 19.81
CA ALA A 130 9.26 -6.50 18.55
C ALA A 130 9.13 -7.61 17.51
N ARG A 131 9.37 -8.87 17.91
CA ARG A 131 9.24 -9.95 16.96
C ARG A 131 7.79 -10.07 16.46
N ARG A 132 6.84 -9.94 17.37
CA ARG A 132 5.45 -10.02 16.96
C ARG A 132 5.14 -8.92 15.93
N SER A 133 5.68 -7.73 16.14
CA SER A 133 5.40 -6.62 15.21
C SER A 133 5.95 -6.85 13.81
N MET A 134 6.91 -7.76 13.68
CA MET A 134 7.55 -8.04 12.41
C MET A 134 7.08 -9.30 11.70
N GLU A 135 6.10 -9.99 12.28
CA GLU A 135 5.62 -11.24 11.69
C GLU A 135 5.24 -11.18 10.23
N LEU A 136 4.63 -10.08 9.80
CA LEU A 136 4.21 -9.94 8.41
C LEU A 136 5.13 -9.08 7.58
N ILE A 137 6.29 -8.73 8.11
CA ILE A 137 7.22 -7.87 7.41
C ILE A 137 8.60 -8.51 7.22
N ALA A 138 9.06 -9.18 8.26
CA ALA A 138 10.38 -9.80 8.23
C ALA A 138 10.58 -10.82 7.13
N ARG A 139 11.75 -10.75 6.50
CA ARG A 139 12.12 -11.68 5.46
C ARG A 139 12.21 -13.05 6.12
N GLU A 140 11.75 -14.08 5.41
CA GLU A 140 11.80 -15.45 5.93
C GLU A 140 13.25 -15.77 6.27
N ASP A 141 13.45 -16.29 7.47
CA ASP A 141 14.79 -16.62 7.95
C ASP A 141 14.67 -17.70 9.02
N GLU A 142 15.27 -18.86 8.79
CA GLU A 142 15.20 -19.95 9.76
C GLU A 142 15.97 -19.58 11.03
N ASN A 143 16.86 -18.60 10.91
CA ASN A 143 17.68 -18.17 12.04
C ASN A 143 17.60 -16.65 12.15
N PRO A 144 16.47 -16.14 12.67
CA PRO A 144 16.19 -14.70 12.84
C PRO A 144 17.36 -13.94 13.42
N LYS A 145 17.71 -12.84 12.75
CA LYS A 145 18.82 -11.99 13.11
C LYS A 145 18.43 -10.85 14.06
N VAL A 146 19.42 -10.32 14.77
CA VAL A 146 19.20 -9.21 15.68
C VAL A 146 18.61 -8.05 14.88
N ALA A 147 19.03 -7.92 13.62
CA ALA A 147 18.54 -6.85 12.74
C ALA A 147 17.02 -6.80 12.70
N GLU A 148 16.39 -7.96 12.79
CA GLU A 148 14.93 -8.02 12.75
C GLU A 148 14.25 -7.21 13.85
N VAL A 149 14.86 -7.13 15.03
CA VAL A 149 14.20 -6.39 16.11
C VAL A 149 14.64 -4.95 16.19
N ILE A 150 15.70 -4.59 15.48
CA ILE A 150 16.13 -3.20 15.43
C ILE A 150 15.17 -2.48 14.45
N TYR A 151 14.79 -3.19 13.38
CA TYR A 151 13.91 -2.66 12.35
C TYR A 151 12.65 -1.95 12.92
N PRO A 152 11.84 -2.65 13.75
CA PRO A 152 10.64 -1.96 14.25
C PRO A 152 10.88 -0.72 15.08
N ILE A 153 11.93 -0.69 15.90
CA ILE A 153 12.11 0.52 16.67
C ILE A 153 12.67 1.65 15.80
N MET A 154 13.41 1.30 14.75
CA MET A 154 13.89 2.33 13.84
C MET A 154 12.64 2.93 13.17
N GLN A 155 11.68 2.07 12.80
CA GLN A 155 10.44 2.58 12.19
C GLN A 155 9.60 3.42 13.15
N VAL A 156 9.53 3.03 14.41
CA VAL A 156 8.79 3.82 15.39
C VAL A 156 9.41 5.21 15.46
N ASN A 157 10.73 5.28 15.47
CA ASN A 157 11.35 6.60 15.55
C ASN A 157 11.18 7.50 14.33
N THR A 158 10.92 6.95 13.14
CA THR A 158 10.72 7.79 11.97
C THR A 158 9.63 8.83 12.15
N SER A 159 8.47 8.41 12.65
CA SER A 159 7.35 9.34 12.87
C SER A 159 7.78 10.44 13.81
N HIS A 160 8.48 10.05 14.87
CA HIS A 160 8.96 11.01 15.86
C HIS A 160 9.89 12.03 15.19
N TYR A 161 10.87 11.51 14.45
CA TYR A 161 11.83 12.36 13.75
C TYR A 161 11.24 13.30 12.68
N LEU A 162 10.35 12.77 11.85
CA LEU A 162 9.74 13.56 10.78
C LEU A 162 8.71 14.54 11.31
N GLY A 163 8.20 14.29 12.52
CA GLY A 163 7.20 15.15 13.12
C GLY A 163 5.85 15.13 12.41
N VAL A 164 5.55 14.06 11.69
CA VAL A 164 4.29 13.95 10.96
C VAL A 164 3.07 13.87 11.85
N ASP A 165 1.94 14.21 11.28
CA ASP A 165 0.68 14.12 12.02
C ASP A 165 0.06 12.76 11.73
N VAL A 166 0.34 12.25 10.53
CA VAL A 166 -0.24 10.97 10.06
C VAL A 166 0.79 10.04 9.47
N ALA A 167 0.64 8.74 9.77
CA ALA A 167 1.50 7.69 9.20
C ALA A 167 0.56 6.76 8.46
N VAL A 168 0.93 6.38 7.25
CA VAL A 168 0.10 5.51 6.43
C VAL A 168 0.89 4.23 6.11
N GLY A 169 0.18 3.12 6.05
CA GLY A 169 0.84 1.87 5.70
C GLY A 169 -0.22 0.79 5.53
N GLY A 170 0.20 -0.39 5.09
CA GLY A 170 -0.75 -1.46 4.94
C GLY A 170 -1.01 -2.05 6.31
N MET A 171 -2.03 -2.88 6.42
CA MET A 171 -2.35 -3.48 7.71
C MET A 171 -1.18 -4.25 8.32
N GLU A 172 -0.19 -4.64 7.50
CA GLU A 172 0.96 -5.38 8.04
C GLU A 172 1.73 -4.52 9.02
N GLN A 173 1.61 -3.20 8.85
CA GLN A 173 2.34 -2.26 9.71
C GLN A 173 1.64 -1.93 11.01
N ARG A 174 0.43 -2.44 11.21
CA ARG A 174 -0.31 -2.02 12.39
C ARG A 174 0.30 -2.27 13.75
N LYS A 175 1.01 -3.39 13.94
CA LYS A 175 1.63 -3.64 15.24
C LYS A 175 2.78 -2.66 15.49
N ILE A 176 3.58 -2.36 14.46
CA ILE A 176 4.64 -1.37 14.67
C ILE A 176 3.99 -0.03 15.01
N HIS A 177 2.90 0.33 14.32
CA HIS A 177 2.23 1.62 14.61
C HIS A 177 1.63 1.66 16.01
N MET A 178 1.09 0.54 16.48
CA MET A 178 0.54 0.48 17.84
C MET A 178 1.67 0.74 18.82
N LEU A 179 2.84 0.17 18.54
CA LEU A 179 3.99 0.39 19.42
C LEU A 179 4.33 1.89 19.43
N ALA A 180 4.38 2.49 18.25
CA ALA A 180 4.69 3.92 18.15
C ALA A 180 3.71 4.78 18.94
N ARG A 181 2.43 4.47 18.84
CA ARG A 181 1.41 5.23 19.57
C ARG A 181 1.53 5.03 21.07
N GLU A 182 2.10 3.92 21.49
CA GLU A 182 2.26 3.69 22.91
C GLU A 182 3.56 4.31 23.45
N LEU A 183 4.61 4.33 22.62
CA LEU A 183 5.90 4.84 23.09
C LEU A 183 6.31 6.29 22.87
N LEU A 184 5.82 6.89 21.79
CA LEU A 184 6.19 8.26 21.46
C LEU A 184 5.42 9.29 22.27
N PRO A 185 6.00 10.49 22.48
CA PRO A 185 5.39 11.58 23.23
C PRO A 185 4.11 12.06 22.53
N LYS A 186 4.16 12.12 21.21
CA LYS A 186 3.04 12.56 20.39
C LYS A 186 2.45 11.37 19.64
N LYS A 187 1.15 11.16 19.76
CA LYS A 187 0.50 10.05 19.07
C LYS A 187 0.24 10.38 17.61
N VAL A 188 0.74 9.55 16.71
CA VAL A 188 0.54 9.77 15.29
C VAL A 188 -0.75 9.07 14.87
N VAL A 189 -1.54 9.72 14.03
CA VAL A 189 -2.78 9.13 13.53
C VAL A 189 -2.32 8.12 12.50
N CYS A 190 -2.79 6.87 12.62
CA CYS A 190 -2.37 5.84 11.69
C CYS A 190 -3.49 5.41 10.74
N ILE A 191 -3.21 5.48 9.44
CA ILE A 191 -4.19 5.09 8.46
C ILE A 191 -3.70 3.81 7.81
N HIS A 192 -4.49 2.74 7.93
CA HIS A 192 -4.08 1.47 7.35
C HIS A 192 -4.92 1.05 6.17
N ASN A 193 -4.21 0.71 5.11
CA ASN A 193 -4.82 0.25 3.87
C ASN A 193 -4.90 -1.27 3.89
N PRO A 194 -5.88 -1.82 3.19
CA PRO A 194 -6.05 -3.28 3.13
C PRO A 194 -4.90 -3.95 2.38
N VAL A 195 -4.71 -5.24 2.65
CA VAL A 195 -3.67 -6.00 2.00
C VAL A 195 -4.34 -6.76 0.87
N LEU A 196 -3.87 -6.53 -0.35
CA LEU A 196 -4.44 -7.20 -1.50
C LEU A 196 -4.07 -8.67 -1.54
N THR A 197 -4.96 -9.47 -2.12
CA THR A 197 -4.72 -10.89 -2.25
C THR A 197 -3.89 -11.18 -3.50
N GLY A 198 -3.03 -12.18 -3.45
CA GLY A 198 -2.23 -12.53 -4.62
C GLY A 198 -3.14 -13.02 -5.73
N LEU A 199 -2.68 -12.93 -6.97
CA LEU A 199 -3.49 -13.34 -8.12
C LEU A 199 -3.98 -14.80 -8.06
N ASP A 200 -3.20 -15.70 -7.45
CA ASP A 200 -3.61 -17.10 -7.40
C ASP A 200 -4.50 -17.43 -6.21
N GLY A 201 -4.80 -16.42 -5.40
CA GLY A 201 -5.67 -16.61 -4.26
C GLY A 201 -4.97 -17.14 -3.03
N GLU A 202 -3.70 -17.50 -3.18
CA GLU A 202 -2.91 -18.02 -2.07
C GLU A 202 -2.14 -16.91 -1.36
N GLY A 203 -2.60 -16.51 -0.19
CA GLY A 203 -1.87 -15.49 0.53
C GLY A 203 -1.94 -14.10 -0.08
N LYS A 204 -1.26 -13.19 0.60
CA LYS A 204 -1.24 -11.80 0.21
C LYS A 204 -0.30 -11.48 -0.96
N MET A 205 -0.64 -10.43 -1.69
CA MET A 205 0.14 -9.98 -2.83
C MET A 205 1.48 -9.51 -2.29
N SER A 206 2.55 -9.87 -2.98
CA SER A 206 3.89 -9.49 -2.54
C SER A 206 4.89 -9.46 -3.66
N SER A 207 5.83 -8.54 -3.58
CA SER A 207 6.87 -8.44 -4.57
C SER A 207 7.70 -9.73 -4.57
N SER A 208 7.86 -10.36 -3.41
CA SER A 208 8.68 -11.57 -3.36
C SER A 208 7.95 -12.84 -3.79
N LYS A 209 6.63 -12.79 -3.83
CA LYS A 209 5.83 -13.96 -4.21
C LYS A 209 5.43 -14.05 -5.69
N GLY A 210 5.76 -13.03 -6.49
CA GLY A 210 5.42 -13.04 -7.90
C GLY A 210 3.95 -13.31 -8.18
N ASN A 211 3.08 -12.71 -7.38
CA ASN A 211 1.64 -12.91 -7.54
C ASN A 211 0.94 -11.56 -7.70
N PHE A 212 1.62 -10.64 -8.39
CA PHE A 212 1.08 -9.30 -8.55
C PHE A 212 1.04 -8.81 -9.98
N ILE A 213 0.36 -7.70 -10.14
CA ILE A 213 0.30 -7.01 -11.41
C ILE A 213 1.16 -5.77 -11.12
N ALA A 214 2.20 -5.53 -11.93
CA ALA A 214 3.03 -4.35 -11.74
C ALA A 214 2.39 -3.21 -12.51
N VAL A 215 2.55 -1.98 -12.04
CA VAL A 215 1.91 -0.88 -12.76
C VAL A 215 2.39 -0.65 -14.18
N ASP A 216 3.58 -1.14 -14.53
CA ASP A 216 4.09 -0.97 -15.89
C ASP A 216 3.99 -2.28 -16.70
N ASP A 217 3.21 -3.26 -16.23
CA ASP A 217 3.05 -4.52 -17.00
C ASP A 217 2.41 -4.12 -18.33
N SER A 218 2.70 -4.87 -19.39
CA SER A 218 2.11 -4.54 -20.69
C SER A 218 0.66 -4.95 -20.65
N PRO A 219 -0.16 -4.38 -21.55
CA PRO A 219 -1.58 -4.77 -21.56
C PRO A 219 -1.72 -6.27 -21.75
N GLU A 220 -0.92 -6.83 -22.67
CA GLU A 220 -0.97 -8.27 -22.91
C GLU A 220 -0.67 -9.07 -21.63
N GLU A 221 0.29 -8.59 -20.85
CA GLU A 221 0.67 -9.26 -19.60
C GLU A 221 -0.44 -9.14 -18.56
N ILE A 222 -1.06 -7.97 -18.49
CA ILE A 222 -2.17 -7.79 -17.55
C ILE A 222 -3.30 -8.75 -17.88
N ARG A 223 -3.66 -8.83 -19.16
CA ARG A 223 -4.73 -9.73 -19.58
C ARG A 223 -4.42 -11.18 -19.21
N ALA A 224 -3.17 -11.58 -19.44
CA ALA A 224 -2.77 -12.95 -19.12
C ALA A 224 -2.82 -13.25 -17.63
N LYS A 225 -2.39 -12.29 -16.81
CA LYS A 225 -2.37 -12.48 -15.37
C LYS A 225 -3.81 -12.58 -14.80
N ILE A 226 -4.68 -11.74 -15.33
CA ILE A 226 -6.07 -11.74 -14.87
C ILE A 226 -6.78 -12.99 -15.37
N LYS A 227 -6.47 -13.39 -16.60
CA LYS A 227 -7.09 -14.61 -17.13
C LYS A 227 -6.83 -15.84 -16.24
N LYS A 228 -5.61 -16.00 -15.74
CA LYS A 228 -5.29 -17.15 -14.90
C LYS A 228 -5.53 -16.97 -13.41
N ALA A 229 -5.98 -15.77 -13.02
CA ALA A 229 -6.20 -15.49 -11.61
C ALA A 229 -7.34 -16.26 -10.96
N TYR A 230 -7.22 -16.45 -9.65
CA TYR A 230 -8.21 -17.11 -8.84
C TYR A 230 -9.44 -16.20 -8.86
N CYS A 231 -10.61 -16.73 -9.23
CA CYS A 231 -11.81 -15.92 -9.28
C CYS A 231 -13.04 -16.85 -9.37
N PRO A 232 -13.32 -17.59 -8.28
CA PRO A 232 -14.47 -18.50 -8.29
C PRO A 232 -15.81 -17.80 -8.30
N ALA A 233 -16.72 -18.27 -9.16
CA ALA A 233 -18.05 -17.69 -9.27
C ALA A 233 -18.71 -17.49 -7.90
N GLY A 234 -19.33 -16.34 -7.70
CA GLY A 234 -20.01 -16.04 -6.46
C GLY A 234 -19.16 -15.82 -5.21
N VAL A 235 -17.85 -16.03 -5.34
CA VAL A 235 -16.92 -15.87 -4.22
C VAL A 235 -16.28 -14.48 -4.29
N VAL A 236 -16.51 -13.68 -3.26
CA VAL A 236 -15.97 -12.33 -3.21
C VAL A 236 -14.76 -12.26 -2.28
N GLU A 237 -14.86 -12.98 -1.17
CA GLU A 237 -13.79 -13.01 -0.18
C GLU A 237 -12.53 -13.65 -0.76
N GLY A 238 -11.40 -12.96 -0.62
CA GLY A 238 -10.15 -13.49 -1.13
C GLY A 238 -10.09 -13.57 -2.65
N ASN A 239 -10.94 -12.81 -3.32
CA ASN A 239 -10.98 -12.82 -4.79
C ASN A 239 -10.22 -11.59 -5.27
N PRO A 240 -9.00 -11.77 -5.78
CA PRO A 240 -8.21 -10.63 -6.26
C PRO A 240 -8.83 -9.80 -7.36
N ILE A 241 -9.65 -10.40 -8.23
CA ILE A 241 -10.24 -9.63 -9.29
C ILE A 241 -11.33 -8.69 -8.74
N MET A 242 -12.09 -9.15 -7.76
CA MET A 242 -13.11 -8.30 -7.17
C MET A 242 -12.40 -7.20 -6.38
N GLU A 243 -11.26 -7.51 -5.76
CA GLU A 243 -10.53 -6.49 -5.01
C GLU A 243 -10.08 -5.39 -5.99
N ILE A 244 -9.59 -5.79 -7.17
CA ILE A 244 -9.16 -4.79 -8.13
C ILE A 244 -10.33 -3.92 -8.54
N ALA A 245 -11.50 -4.52 -8.76
CA ALA A 245 -12.68 -3.72 -9.13
C ALA A 245 -13.02 -2.71 -8.02
N LYS A 246 -12.92 -3.15 -6.77
CA LYS A 246 -13.22 -2.28 -5.64
C LYS A 246 -12.24 -1.13 -5.43
N TYR A 247 -10.96 -1.44 -5.51
CA TYR A 247 -9.95 -0.44 -5.22
C TYR A 247 -9.41 0.43 -6.33
N PHE A 248 -9.55 0.00 -7.58
CA PHE A 248 -8.99 0.78 -8.69
C PHE A 248 -9.95 1.32 -9.74
N LEU A 249 -11.07 0.64 -9.93
CA LEU A 249 -12.02 1.05 -10.97
C LEU A 249 -12.96 2.21 -10.62
N GLU A 250 -13.41 2.90 -11.65
CA GLU A 250 -14.34 3.96 -11.39
C GLU A 250 -15.71 3.52 -11.89
N TYR A 251 -16.73 4.05 -11.25
CA TYR A 251 -18.11 3.72 -11.58
C TYR A 251 -18.82 5.00 -11.97
N PRO A 252 -19.89 4.89 -12.78
CA PRO A 252 -20.44 3.65 -13.35
C PRO A 252 -19.48 2.85 -14.20
N LEU A 253 -19.57 1.54 -14.06
CA LEU A 253 -18.72 0.61 -14.79
C LEU A 253 -19.56 -0.15 -15.81
N THR A 254 -19.14 -0.11 -17.06
CA THR A 254 -19.85 -0.81 -18.12
C THR A 254 -19.15 -2.13 -18.37
N ILE A 255 -19.87 -3.23 -18.19
CA ILE A 255 -19.30 -4.54 -18.41
C ILE A 255 -19.84 -5.10 -19.72
N LYS A 256 -18.96 -5.21 -20.71
CA LYS A 256 -19.33 -5.71 -22.02
C LYS A 256 -19.59 -7.21 -21.94
N ARG A 257 -20.64 -7.64 -22.62
CA ARG A 257 -20.99 -9.04 -22.56
C ARG A 257 -21.95 -9.29 -23.71
N PRO A 258 -21.77 -10.41 -24.42
CA PRO A 258 -22.66 -10.74 -25.55
C PRO A 258 -24.12 -10.78 -25.12
N GLU A 259 -25.02 -10.46 -26.04
CA GLU A 259 -26.43 -10.48 -25.73
C GLU A 259 -26.88 -11.89 -25.34
N LYS A 260 -26.27 -12.90 -25.94
CA LYS A 260 -26.65 -14.28 -25.64
C LYS A 260 -26.35 -14.66 -24.20
N PHE A 261 -25.57 -13.82 -23.51
CA PHE A 261 -25.22 -14.08 -22.12
C PHE A 261 -25.78 -13.02 -21.18
N GLY A 262 -26.68 -12.19 -21.70
CA GLY A 262 -27.28 -11.17 -20.87
C GLY A 262 -27.06 -9.75 -21.33
N GLY A 263 -26.19 -9.57 -22.32
CA GLY A 263 -25.93 -8.22 -22.81
C GLY A 263 -25.12 -7.37 -21.83
N ASP A 264 -24.68 -6.21 -22.28
CA ASP A 264 -23.89 -5.31 -21.45
C ASP A 264 -24.62 -4.89 -20.20
N LEU A 265 -23.88 -4.78 -19.11
CA LEU A 265 -24.49 -4.33 -17.87
C LEU A 265 -23.70 -3.16 -17.33
N THR A 266 -24.44 -2.16 -16.85
CA THR A 266 -23.85 -0.96 -16.28
C THR A 266 -24.06 -1.04 -14.78
N VAL A 267 -22.97 -1.08 -14.02
CA VAL A 267 -23.03 -1.14 -12.56
C VAL A 267 -22.63 0.23 -12.02
N ASN A 268 -23.48 0.80 -11.18
CA ASN A 268 -23.23 2.13 -10.64
C ASN A 268 -22.34 2.21 -9.42
N SER A 269 -22.01 1.06 -8.83
CA SER A 269 -21.15 1.05 -7.66
C SER A 269 -20.51 -0.32 -7.48
N TYR A 270 -19.43 -0.35 -6.71
CA TYR A 270 -18.78 -1.61 -6.43
C TYR A 270 -19.77 -2.50 -5.66
N GLU A 271 -20.53 -1.91 -4.73
CA GLU A 271 -21.53 -2.66 -3.98
C GLU A 271 -22.52 -3.38 -4.92
N GLU A 272 -22.94 -2.72 -5.99
CA GLU A 272 -23.85 -3.33 -6.94
C GLU A 272 -23.13 -4.49 -7.64
N LEU A 273 -21.87 -4.26 -8.01
CA LEU A 273 -21.09 -5.31 -8.67
C LEU A 273 -20.97 -6.50 -7.73
N GLU A 274 -20.70 -6.21 -6.45
CA GLU A 274 -20.55 -7.27 -5.48
C GLU A 274 -21.85 -8.05 -5.36
N SER A 275 -22.96 -7.35 -5.48
CA SER A 275 -24.26 -8.00 -5.38
C SER A 275 -24.42 -8.97 -6.56
N LEU A 276 -24.22 -8.46 -7.77
CA LEU A 276 -24.34 -9.26 -8.98
C LEU A 276 -23.46 -10.51 -8.95
N PHE A 277 -22.19 -10.33 -8.64
CA PHE A 277 -21.27 -11.43 -8.59
C PHE A 277 -21.64 -12.49 -7.55
N LYS A 278 -22.09 -12.05 -6.39
CA LYS A 278 -22.47 -12.99 -5.33
C LYS A 278 -23.65 -13.86 -5.75
N ASN A 279 -24.61 -13.28 -6.45
CA ASN A 279 -25.78 -14.03 -6.90
C ASN A 279 -25.53 -14.79 -8.20
N LYS A 280 -24.27 -14.81 -8.63
CA LYS A 280 -23.86 -15.49 -9.84
C LYS A 280 -24.59 -14.99 -11.08
N GLU A 281 -24.87 -13.70 -11.11
CA GLU A 281 -25.51 -13.09 -12.27
C GLU A 281 -24.42 -12.57 -13.21
N LEU A 282 -23.18 -12.55 -12.74
CA LEU A 282 -22.05 -12.10 -13.54
C LEU A 282 -20.98 -13.16 -13.48
N HIS A 283 -20.66 -13.73 -14.64
CA HIS A 283 -19.68 -14.79 -14.75
C HIS A 283 -18.23 -14.27 -14.63
N PRO A 284 -17.36 -15.05 -13.99
CA PRO A 284 -15.95 -14.66 -13.81
C PRO A 284 -15.33 -14.17 -15.11
N MET A 285 -15.64 -14.84 -16.23
CA MET A 285 -15.05 -14.41 -17.50
C MET A 285 -15.33 -12.96 -17.84
N TYR A 286 -16.57 -12.52 -17.67
CA TYR A 286 -16.89 -11.15 -18.01
C TYR A 286 -16.43 -10.14 -16.97
N LEU A 287 -16.35 -10.57 -15.71
CA LEU A 287 -15.85 -9.71 -14.63
C LEU A 287 -14.37 -9.50 -15.00
N LYS A 288 -13.68 -10.61 -15.28
CA LYS A 288 -12.25 -10.53 -15.67
C LYS A 288 -11.97 -9.66 -16.89
N ASN A 289 -12.72 -9.85 -17.98
CA ASN A 289 -12.48 -9.03 -19.16
C ASN A 289 -12.66 -7.55 -18.86
N ALA A 290 -13.71 -7.20 -18.13
CA ALA A 290 -13.94 -5.80 -17.82
C ALA A 290 -12.85 -5.24 -16.90
N VAL A 291 -12.48 -6.01 -15.89
CA VAL A 291 -11.44 -5.54 -14.96
C VAL A 291 -10.11 -5.37 -15.70
N ALA A 292 -9.76 -6.32 -16.54
CA ALA A 292 -8.51 -6.20 -17.28
C ALA A 292 -8.49 -4.98 -18.18
N GLU A 293 -9.54 -4.78 -18.98
CA GLU A 293 -9.52 -3.64 -19.88
C GLU A 293 -9.54 -2.31 -19.15
N GLU A 294 -10.33 -2.20 -18.08
CA GLU A 294 -10.37 -0.94 -17.35
C GLU A 294 -9.04 -0.69 -16.60
N LEU A 295 -8.45 -1.74 -16.04
CA LEU A 295 -7.18 -1.60 -15.31
C LEU A 295 -6.10 -1.15 -16.31
N ILE A 296 -6.13 -1.72 -17.51
CA ILE A 296 -5.15 -1.32 -18.53
C ILE A 296 -5.24 0.18 -18.79
N LYS A 297 -6.46 0.70 -18.96
CA LYS A 297 -6.60 2.13 -19.20
C LYS A 297 -6.17 2.98 -18.01
N ILE A 298 -6.37 2.46 -16.80
CA ILE A 298 -5.98 3.17 -15.57
C ILE A 298 -4.46 3.29 -15.49
N LEU A 299 -3.79 2.19 -15.79
CA LEU A 299 -2.33 2.14 -15.74
C LEU A 299 -1.61 2.72 -16.94
N GLU A 300 -2.30 2.82 -18.07
CA GLU A 300 -1.67 3.34 -19.29
C GLU A 300 -0.84 4.61 -19.15
N PRO A 301 -1.37 5.66 -18.51
CA PRO A 301 -0.51 6.84 -18.43
C PRO A 301 0.76 6.66 -17.60
N ILE A 302 0.74 5.75 -16.63
CA ILE A 302 1.91 5.49 -15.78
C ILE A 302 2.94 4.72 -16.60
N ARG A 303 2.52 3.63 -17.23
CA ARG A 303 3.44 2.86 -18.07
C ARG A 303 4.01 3.80 -19.15
N LYS A 304 3.15 4.62 -19.75
CA LYS A 304 3.63 5.53 -20.80
C LYS A 304 4.71 6.51 -20.33
N ARG A 305 4.52 7.11 -19.16
CA ARG A 305 5.51 8.03 -18.61
C ARG A 305 6.81 7.29 -18.28
N LEU A 306 6.69 6.04 -17.85
CA LEU A 306 7.87 5.27 -17.50
C LEU A 306 8.66 4.79 -18.72
N LEU A 307 7.98 4.64 -19.85
CA LEU A 307 8.65 4.18 -21.07
C LEU A 307 9.11 5.34 -21.94
N GLU A 308 8.47 6.48 -21.76
CA GLU A 308 8.83 7.66 -22.54
C GLU A 308 10.30 8.02 -22.21
#